data_8CRV
#
_entry.id   8CRV
#
_cell.length_a   56.560
_cell.length_b   56.560
_cell.length_c   250.370
_cell.angle_alpha   90.000
_cell.angle_beta   90.000
_cell.angle_gamma   90.000
#
_symmetry.space_group_name_H-M   'P 43 21 2'
#
loop_
_entity.id
_entity.type
_entity.pdbx_description
1 polymer 'Carbamate kinase'
2 non-polymer 1,2-ETHANEDIOL
3 non-polymer 'FORMIC ACID'
4 non-polymer 'oxidanyl dihydrogen phosphate'
5 non-polymer 'SULFATE ION'
6 water water
#
_entity_poly.entity_id   1
_entity_poly.type   'polypeptide(L)'
_entity_poly.pdbx_seq_one_letter_code
;SNAMRIVVALGGNALLRRGEPMTADNQRENVRIAAEQIAKVAPGNELVIAHGNGPQVGLLALQGAAYDKVSPYPLDVLGA
ETEGMIGYMIEQEMGNLLPFEVPFATILTQVEVDGKDPAFQNPTKPIGPVYSREEAERLAAEKGWSITPDGDKFRRVVPS
PRPKRIFEIRPVKWLLEKGTIVICAGGGGIPTMYDEAGKKLSGVEAVIDKDLCSSLLAQELVADILIIATDVDAAYVDWG
KPTQKAIAQAHPDELERLGFAAGSMGPKVQAAIEFARATGKDAVIGSLADIVAITEGKAGTRVSTRKAGIEYR
;
_entity_poly.pdbx_strand_id   A
#
loop_
_chem_comp.id
_chem_comp.type
_chem_comp.name
_chem_comp.formula
EDO non-polymer 1,2-ETHANEDIOL 'C2 H6 O2'
FMT non-polymer 'FORMIC ACID' 'C H2 O2'
OO9 non-polymer 'oxidanyl dihydrogen phosphate' 'H3 O5 P'
SO4 non-polymer 'SULFATE ION' 'O4 S -2'
#
# COMPACT_ATOMS: atom_id res chain seq x y z
N ASN A 2 19.12 18.96 3.21
CA ASN A 2 18.95 18.67 4.62
C ASN A 2 17.78 17.72 4.85
N ALA A 3 16.83 18.14 5.69
CA ALA A 3 15.66 17.32 6.01
C ALA A 3 14.85 17.01 4.75
N MET A 4 14.24 15.83 4.73
CA MET A 4 13.28 15.50 3.68
C MET A 4 12.05 14.88 4.31
N ARG A 5 10.91 15.15 3.67
CA ARG A 5 9.67 14.49 4.04
C ARG A 5 9.50 13.25 3.17
N ILE A 6 9.50 12.09 3.82
CA ILE A 6 9.58 10.78 3.17
C ILE A 6 8.29 10.03 3.45
N VAL A 7 7.66 9.52 2.38
CA VAL A 7 6.59 8.53 2.54
C VAL A 7 7.16 7.19 2.09
N VAL A 8 7.17 6.21 3.00
CA VAL A 8 7.63 4.85 2.69
C VAL A 8 6.40 3.95 2.64
N ALA A 9 6.16 3.30 1.50
CA ALA A 9 5.04 2.37 1.38
C ALA A 9 5.58 0.95 1.50
N LEU A 10 5.27 0.29 2.61
CA LEU A 10 5.76 -1.06 2.86
C LEU A 10 4.95 -2.07 2.05
N GLY A 11 5.66 -3.01 1.42
CA GLY A 11 4.97 -4.05 0.68
C GLY A 11 4.30 -5.05 1.60
N GLY A 12 3.33 -5.77 1.03
CA GLY A 12 2.65 -6.81 1.80
C GLY A 12 3.60 -7.91 2.23
N ASN A 13 4.52 -8.32 1.34
CA ASN A 13 5.52 -9.30 1.71
C ASN A 13 6.45 -8.81 2.80
N ALA A 14 6.49 -7.50 3.06
CA ALA A 14 7.30 -6.99 4.15
C ALA A 14 6.73 -7.33 5.53
N LEU A 15 5.44 -7.65 5.61
CA LEU A 15 4.83 -7.99 6.89
C LEU A 15 4.65 -9.49 7.06
N LEU A 16 4.41 -10.20 5.96
CA LEU A 16 4.23 -11.65 6.01
C LEU A 16 4.71 -12.23 4.69
N ARG A 17 5.61 -13.20 4.78
CA ARG A 17 6.11 -13.85 3.58
C ARG A 17 5.15 -14.95 3.12
N ARG A 18 5.24 -15.29 1.84
N ARG A 18 5.27 -15.29 1.84
CA ARG A 18 4.49 -16.43 1.37
CA ARG A 18 4.55 -16.46 1.33
C ARG A 18 4.97 -17.70 2.07
C ARG A 18 4.99 -17.72 2.08
N GLY A 19 4.03 -18.59 2.37
CA GLY A 19 4.34 -19.89 2.93
C GLY A 19 4.40 -19.95 4.45
N GLU A 20 4.13 -18.85 5.14
CA GLU A 20 4.07 -18.89 6.60
C GLU A 20 2.70 -18.44 7.05
N PRO A 21 2.21 -18.98 8.15
CA PRO A 21 0.86 -18.64 8.61
C PRO A 21 0.78 -17.22 9.13
N MET A 22 -0.43 -16.66 9.03
CA MET A 22 -0.73 -15.29 9.45
C MET A 22 -0.92 -15.27 10.97
N THR A 23 0.21 -15.26 11.67
CA THR A 23 0.20 -15.18 13.13
C THR A 23 0.88 -13.91 13.57
N ALA A 24 0.55 -13.48 14.79
CA ALA A 24 1.19 -12.29 15.33
C ALA A 24 2.70 -12.46 15.42
N ASP A 25 3.16 -13.63 15.89
CA ASP A 25 4.59 -13.88 15.99
C ASP A 25 5.28 -13.77 14.64
N ASN A 26 4.68 -14.35 13.60
CA ASN A 26 5.31 -14.29 12.28
C ASN A 26 5.33 -12.87 11.74
N GLN A 27 4.24 -12.11 11.95
CA GLN A 27 4.24 -10.73 11.50
C GLN A 27 5.28 -9.90 12.26
N ARG A 28 5.34 -10.07 13.58
CA ARG A 28 6.24 -9.24 14.38
C ARG A 28 7.69 -9.42 13.94
N GLU A 29 8.11 -10.64 13.64
CA GLU A 29 9.51 -10.79 13.27
C GLU A 29 9.81 -10.09 11.93
N ASN A 30 8.83 -10.05 11.02
CA ASN A 30 9.04 -9.30 9.80
C ASN A 30 8.98 -7.80 10.04
N VAL A 31 8.07 -7.36 10.90
CA VAL A 31 8.02 -5.93 11.21
C VAL A 31 9.32 -5.47 11.85
N ARG A 32 9.90 -6.30 12.72
CA ARG A 32 11.15 -5.93 13.36
C ARG A 32 12.26 -5.74 12.33
N ILE A 33 12.35 -6.63 11.34
CA ILE A 33 13.32 -6.49 10.27
C ILE A 33 13.10 -5.18 9.51
N ALA A 34 11.84 -4.87 9.17
CA ALA A 34 11.54 -3.65 8.45
C ALA A 34 11.85 -2.42 9.27
N ALA A 35 11.45 -2.42 10.54
CA ALA A 35 11.72 -1.28 11.42
C ALA A 35 13.21 -0.99 11.53
N GLU A 36 14.04 -2.03 11.61
CA GLU A 36 15.48 -1.83 11.70
C GLU A 36 15.99 -1.08 10.47
N GLN A 37 15.39 -1.34 9.32
N GLN A 37 15.41 -1.35 9.30
CA GLN A 37 15.81 -0.71 8.07
CA GLN A 37 15.86 -0.65 8.10
C GLN A 37 15.26 0.71 7.97
C GLN A 37 15.28 0.76 8.03
N ILE A 38 13.98 0.89 8.26
CA ILE A 38 13.33 2.19 8.13
C ILE A 38 13.92 3.19 9.13
N ALA A 39 14.28 2.72 10.32
CA ALA A 39 14.79 3.65 11.33
C ALA A 39 16.08 4.33 10.90
N LYS A 40 16.79 3.78 9.91
CA LYS A 40 18.04 4.38 9.46
C LYS A 40 17.83 5.70 8.73
N VAL A 41 16.63 5.98 8.22
CA VAL A 41 16.38 7.26 7.56
C VAL A 41 15.45 8.15 8.39
N ALA A 42 15.18 7.78 9.65
CA ALA A 42 14.34 8.62 10.52
C ALA A 42 15.04 9.89 10.99
N PRO A 43 16.30 9.83 11.46
CA PRO A 43 16.92 11.03 12.05
C PRO A 43 16.98 12.20 11.08
N GLY A 44 16.49 13.35 11.55
CA GLY A 44 16.51 14.57 10.79
C GLY A 44 15.44 14.70 9.72
N ASN A 45 14.64 13.67 9.52
CA ASN A 45 13.65 13.68 8.45
C ASN A 45 12.24 13.63 9.02
N GLU A 46 11.27 13.85 8.15
CA GLU A 46 9.86 13.77 8.48
C GLU A 46 9.33 12.52 7.80
N LEU A 47 9.07 11.49 8.58
CA LEU A 47 8.85 10.15 8.07
C LEU A 47 7.39 9.73 8.24
N VAL A 48 6.79 9.30 7.13
CA VAL A 48 5.44 8.71 7.10
C VAL A 48 5.60 7.27 6.61
N ILE A 49 4.96 6.34 7.32
CA ILE A 49 5.03 4.92 6.97
C ILE A 49 3.64 4.45 6.64
N ALA A 50 3.45 3.99 5.41
CA ALA A 50 2.22 3.30 5.02
C ALA A 50 2.54 1.84 4.74
N HIS A 51 1.50 1.03 4.60
CA HIS A 51 1.72 -0.40 4.49
C HIS A 51 0.50 -1.04 3.86
N GLY A 52 0.68 -2.28 3.41
CA GLY A 52 -0.42 -3.09 2.93
C GLY A 52 -1.11 -3.84 4.06
N ASN A 53 -2.12 -4.64 3.68
CA ASN A 53 -2.82 -5.42 4.70
C ASN A 53 -3.42 -6.70 4.14
N GLY A 54 -2.92 -7.21 3.01
CA GLY A 54 -3.54 -8.32 2.33
C GLY A 54 -3.78 -9.55 3.18
N PRO A 55 -2.72 -10.12 3.74
CA PRO A 55 -2.91 -11.34 4.55
C PRO A 55 -3.68 -11.07 5.82
N GLN A 56 -3.56 -9.86 6.37
CA GLN A 56 -4.23 -9.53 7.63
C GLN A 56 -5.73 -9.39 7.41
N VAL A 57 -6.13 -8.61 6.40
CA VAL A 57 -7.56 -8.45 6.17
C VAL A 57 -8.14 -9.76 5.65
N GLY A 58 -7.34 -10.53 4.91
CA GLY A 58 -7.80 -11.81 4.45
C GLY A 58 -8.13 -12.77 5.58
N LEU A 59 -7.28 -12.79 6.62
CA LEU A 59 -7.55 -13.67 7.76
C LEU A 59 -8.79 -13.24 8.52
N LEU A 60 -8.96 -11.93 8.78
CA LEU A 60 -10.17 -11.46 9.43
C LEU A 60 -11.41 -11.88 8.66
N ALA A 61 -11.33 -11.83 7.32
CA ALA A 61 -12.47 -12.25 6.51
C ALA A 61 -12.75 -13.73 6.68
N LEU A 62 -11.69 -14.54 6.74
CA LEU A 62 -11.86 -15.98 6.94
C LEU A 62 -12.45 -16.27 8.31
N GLN A 63 -11.95 -15.62 9.35
CA GLN A 63 -12.45 -15.89 10.70
C GLN A 63 -13.89 -15.46 10.86
N GLY A 64 -14.25 -14.31 10.28
CA GLY A 64 -15.64 -13.86 10.35
C GLY A 64 -16.57 -14.76 9.57
N ALA A 65 -16.13 -15.21 8.40
CA ALA A 65 -16.98 -16.08 7.59
C ALA A 65 -17.20 -17.44 8.25
N ALA A 66 -16.19 -17.95 8.95
CA ALA A 66 -16.30 -19.24 9.62
C ALA A 66 -17.20 -19.19 10.85
N TYR A 67 -17.36 -18.03 11.46
CA TYR A 67 -18.07 -17.88 12.72
C TYR A 67 -19.53 -17.55 12.42
N ASP A 68 -20.43 -18.49 12.64
CA ASP A 68 -21.80 -18.33 12.17
C ASP A 68 -22.74 -17.72 13.21
N LYS A 69 -22.26 -17.47 14.43
CA LYS A 69 -23.17 -17.02 15.49
C LYS A 69 -23.60 -15.57 15.32
N VAL A 70 -22.75 -14.73 14.72
CA VAL A 70 -23.05 -13.32 14.50
C VAL A 70 -22.65 -12.98 13.07
N SER A 71 -23.36 -12.02 12.49
CA SER A 71 -23.05 -11.61 11.12
C SER A 71 -21.75 -10.81 11.11
N PRO A 72 -20.78 -11.18 10.27
CA PRO A 72 -19.44 -10.57 10.37
C PRO A 72 -19.40 -9.16 9.83
N TYR A 73 -18.39 -8.41 10.28
CA TYR A 73 -18.26 -7.01 9.92
C TYR A 73 -18.01 -6.84 8.43
N PRO A 74 -18.40 -5.71 7.86
CA PRO A 74 -18.10 -5.43 6.44
C PRO A 74 -16.62 -5.11 6.23
N LEU A 75 -16.22 -5.12 4.97
CA LEU A 75 -14.79 -5.08 4.63
C LEU A 75 -14.14 -3.76 5.03
N ASP A 76 -14.87 -2.65 5.01
CA ASP A 76 -14.26 -1.39 5.44
C ASP A 76 -13.89 -1.47 6.92
N VAL A 77 -14.78 -2.04 7.73
CA VAL A 77 -14.51 -2.20 9.15
C VAL A 77 -13.33 -3.15 9.38
N LEU A 78 -13.25 -4.24 8.60
CA LEU A 78 -12.08 -5.09 8.69
C LEU A 78 -10.80 -4.33 8.35
N GLY A 79 -10.86 -3.45 7.34
CA GLY A 79 -9.71 -2.62 7.03
C GLY A 79 -9.27 -1.79 8.22
N ALA A 80 -10.21 -1.16 8.89
CA ALA A 80 -9.90 -0.38 10.09
C ALA A 80 -9.21 -1.24 11.14
N GLU A 81 -9.69 -2.47 11.31
CA GLU A 81 -9.06 -3.35 12.31
C GLU A 81 -7.62 -3.65 11.94
N THR A 82 -7.34 -3.90 10.65
CA THR A 82 -5.94 -4.16 10.28
C THR A 82 -5.05 -2.95 10.50
N GLU A 83 -5.59 -1.73 10.36
CA GLU A 83 -4.76 -0.56 10.62
C GLU A 83 -4.33 -0.52 12.07
N GLY A 84 -5.22 -0.90 12.98
CA GLY A 84 -4.84 -1.00 14.38
C GLY A 84 -3.81 -2.09 14.61
N MET A 85 -4.04 -3.27 14.05
CA MET A 85 -3.15 -4.40 14.34
C MET A 85 -1.74 -4.14 13.80
N ILE A 86 -1.64 -3.70 12.54
CA ILE A 86 -0.33 -3.54 11.90
C ILE A 86 0.35 -2.30 12.41
N GLY A 87 -0.41 -1.20 12.53
CA GLY A 87 0.18 0.05 13.00
C GLY A 87 0.76 -0.08 14.40
N TYR A 88 0.02 -0.74 15.29
CA TYR A 88 0.52 -1.02 16.63
C TYR A 88 1.89 -1.69 16.58
N MET A 89 2.02 -2.75 15.77
CA MET A 89 3.30 -3.45 15.73
C MET A 89 4.41 -2.56 15.16
N ILE A 90 4.13 -1.82 14.08
CA ILE A 90 5.15 -0.96 13.50
C ILE A 90 5.58 0.08 14.52
N GLU A 91 4.61 0.73 15.18
CA GLU A 91 4.95 1.75 16.16
C GLU A 91 5.77 1.17 17.30
N GLN A 92 5.39 0.01 17.80
CA GLN A 92 6.10 -0.56 18.94
C GLN A 92 7.52 -0.96 18.57
N GLU A 93 7.69 -1.61 17.42
CA GLU A 93 9.03 -2.01 17.01
C GLU A 93 9.92 -0.82 16.72
N MET A 94 9.39 0.18 16.00
N MET A 94 9.40 0.20 16.04
CA MET A 94 10.17 1.40 15.74
CA MET A 94 10.22 1.38 15.77
C MET A 94 10.56 2.10 17.04
C MET A 94 10.57 2.11 17.06
N GLY A 95 9.63 2.20 17.99
CA GLY A 95 9.90 2.88 19.23
C GLY A 95 10.99 2.21 20.05
N ASN A 96 11.14 0.91 19.91
CA ASN A 96 12.21 0.22 20.60
C ASN A 96 13.57 0.52 20.01
N LEU A 97 13.62 1.11 18.81
CA LEU A 97 14.86 1.37 18.11
C LEU A 97 15.31 2.82 18.18
N LEU A 98 14.39 3.74 18.25
CA LEU A 98 14.77 5.13 18.20
C LEU A 98 14.74 5.75 19.59
N PRO A 99 15.39 6.90 19.77
CA PRO A 99 15.28 7.60 21.06
C PRO A 99 13.83 7.85 21.41
N PHE A 100 13.48 7.60 22.67
CA PHE A 100 12.08 7.70 23.04
C PHE A 100 11.54 9.11 22.84
N GLU A 101 12.42 10.10 22.73
CA GLU A 101 11.99 11.47 22.43
C GLU A 101 11.33 11.56 21.06
N VAL A 102 11.71 10.72 20.10
CA VAL A 102 11.07 10.72 18.79
C VAL A 102 9.60 10.34 18.96
N PRO A 103 8.66 11.24 18.72
CA PRO A 103 7.25 10.89 18.90
C PRO A 103 6.75 10.01 17.78
N PHE A 104 5.79 9.16 18.11
CA PHE A 104 5.09 8.30 17.15
C PHE A 104 3.59 8.52 17.22
N ALA A 105 2.93 8.33 16.08
CA ALA A 105 1.47 8.32 16.05
C ALA A 105 1.03 7.39 14.93
N THR A 106 0.10 6.49 15.25
CA THR A 106 -0.59 5.68 14.26
C THR A 106 -2.00 6.23 14.11
N ILE A 107 -2.34 6.69 12.91
CA ILE A 107 -3.59 7.38 12.64
C ILE A 107 -4.46 6.49 11.76
N LEU A 108 -5.71 6.29 12.16
CA LEU A 108 -6.66 5.62 11.28
C LEU A 108 -6.93 6.51 10.09
N THR A 109 -6.99 5.92 8.90
CA THR A 109 -7.03 6.71 7.68
C THR A 109 -8.25 6.34 6.86
N GLN A 110 -9.21 7.26 6.77
CA GLN A 110 -10.35 7.12 5.88
C GLN A 110 -9.98 7.70 4.54
N VAL A 111 -10.34 7.00 3.47
CA VAL A 111 -10.03 7.44 2.11
C VAL A 111 -11.32 7.49 1.32
N GLU A 112 -11.62 8.65 0.75
CA GLU A 112 -12.79 8.76 -0.11
C GLU A 112 -12.52 8.09 -1.45
N VAL A 113 -13.51 7.34 -1.94
CA VAL A 113 -13.52 6.85 -3.31
C VAL A 113 -14.78 7.36 -4.00
N ASP A 114 -14.76 7.31 -5.33
CA ASP A 114 -15.83 7.86 -6.14
C ASP A 114 -16.84 6.77 -6.48
N GLY A 115 -18.12 7.07 -6.26
CA GLY A 115 -19.16 6.10 -6.56
C GLY A 115 -19.23 5.72 -8.02
N LYS A 116 -18.75 6.59 -8.91
CA LYS A 116 -18.73 6.30 -10.33
C LYS A 116 -17.45 5.61 -10.79
N ASP A 117 -16.61 5.18 -9.85
CA ASP A 117 -15.37 4.49 -10.20
C ASP A 117 -15.69 3.21 -10.97
N PRO A 118 -15.07 2.98 -12.12
CA PRO A 118 -15.32 1.75 -12.88
C PRO A 118 -15.02 0.47 -12.10
N ALA A 119 -14.27 0.53 -10.99
CA ALA A 119 -14.01 -0.69 -10.24
C ALA A 119 -15.28 -1.30 -9.67
N PHE A 120 -16.32 -0.49 -9.45
CA PHE A 120 -17.54 -1.02 -8.87
C PHE A 120 -18.33 -1.87 -9.86
N GLN A 121 -18.05 -1.74 -11.15
CA GLN A 121 -18.62 -2.64 -12.14
C GLN A 121 -17.68 -3.76 -12.53
N ASN A 122 -16.45 -3.75 -12.03
CA ASN A 122 -15.47 -4.80 -12.32
C ASN A 122 -14.66 -5.12 -11.07
N PRO A 123 -15.27 -5.81 -10.10
CA PRO A 123 -14.52 -6.19 -8.90
C PRO A 123 -13.47 -7.24 -9.22
N THR A 124 -12.29 -7.07 -8.60
CA THR A 124 -11.10 -7.84 -8.98
C THR A 124 -10.38 -8.51 -7.81
N LYS A 125 -10.56 -8.04 -6.57
CA LYS A 125 -9.73 -8.52 -5.47
C LYS A 125 -10.40 -9.69 -4.78
N PRO A 126 -9.82 -10.89 -4.83
CA PRO A 126 -10.42 -12.04 -4.13
C PRO A 126 -10.25 -11.91 -2.63
N ILE A 127 -11.25 -12.37 -1.89
CA ILE A 127 -11.20 -12.29 -0.44
C ILE A 127 -12.16 -13.32 0.13
N GLY A 128 -11.84 -13.81 1.33
CA GLY A 128 -12.68 -14.75 2.01
C GLY A 128 -12.39 -16.18 1.60
N PRO A 129 -13.21 -17.11 2.09
CA PRO A 129 -12.93 -18.53 1.86
C PRO A 129 -13.25 -18.94 0.43
N VAL A 130 -12.79 -20.13 0.08
CA VAL A 130 -13.10 -20.73 -1.20
C VAL A 130 -14.43 -21.46 -1.04
N TYR A 131 -15.37 -21.17 -1.94
CA TYR A 131 -16.72 -21.72 -1.87
C TYR A 131 -16.95 -22.73 -2.98
N SER A 132 -17.72 -23.76 -2.67
CA SER A 132 -18.29 -24.60 -3.70
C SER A 132 -19.22 -23.77 -4.58
N ARG A 133 -19.52 -24.29 -5.78
CA ARG A 133 -20.52 -23.66 -6.63
C ARG A 133 -21.83 -23.44 -5.86
N GLU A 134 -22.27 -24.48 -5.15
CA GLU A 134 -23.51 -24.40 -4.38
C GLU A 134 -23.50 -23.22 -3.41
N GLU A 135 -22.43 -23.10 -2.61
CA GLU A 135 -22.41 -22.07 -1.58
C GLU A 135 -22.18 -20.69 -2.19
N ALA A 136 -21.34 -20.61 -3.22
CA ALA A 136 -21.12 -19.34 -3.89
C ALA A 136 -22.41 -18.81 -4.51
N GLU A 137 -23.19 -19.69 -5.14
CA GLU A 137 -24.49 -19.28 -5.68
C GLU A 137 -25.40 -18.76 -4.58
N ARG A 138 -25.48 -19.47 -3.46
CA ARG A 138 -26.34 -19.06 -2.36
C ARG A 138 -25.95 -17.67 -1.88
N LEU A 139 -24.65 -17.44 -1.70
CA LEU A 139 -24.19 -16.17 -1.15
C LEU A 139 -24.36 -15.03 -2.15
N ALA A 140 -24.12 -15.28 -3.44
CA ALA A 140 -24.39 -14.25 -4.44
C ALA A 140 -25.85 -13.83 -4.42
N ALA A 141 -26.76 -14.80 -4.35
CA ALA A 141 -28.19 -14.49 -4.36
C ALA A 141 -28.63 -13.80 -3.08
N GLU A 142 -28.09 -14.23 -1.94
CA GLU A 142 -28.52 -13.69 -0.65
C GLU A 142 -27.89 -12.33 -0.37
N LYS A 143 -26.63 -12.13 -0.76
CA LYS A 143 -25.90 -10.93 -0.38
C LYS A 143 -25.54 -10.01 -1.53
N GLY A 144 -25.80 -10.41 -2.77
CA GLY A 144 -25.41 -9.59 -3.91
C GLY A 144 -23.93 -9.60 -4.23
N TRP A 145 -23.17 -10.51 -3.63
CA TRP A 145 -21.74 -10.58 -3.87
C TRP A 145 -21.42 -10.91 -5.32
N SER A 146 -20.29 -10.38 -5.78
CA SER A 146 -19.65 -10.85 -7.00
C SER A 146 -18.65 -11.93 -6.64
N ILE A 147 -18.47 -12.90 -7.53
N ILE A 147 -18.59 -12.96 -7.48
CA ILE A 147 -17.51 -13.96 -7.32
CA ILE A 147 -17.79 -14.16 -7.23
C ILE A 147 -16.60 -14.09 -8.53
C ILE A 147 -17.01 -14.49 -8.49
N THR A 148 -15.55 -14.87 -8.36
N THR A 148 -15.77 -14.94 -8.32
CA THR A 148 -14.70 -15.28 -9.47
CA THR A 148 -14.97 -15.35 -9.46
C THR A 148 -14.49 -16.79 -9.38
C THR A 148 -14.63 -16.83 -9.38
N PRO A 149 -14.38 -17.47 -10.51
CA PRO A 149 -13.89 -18.84 -10.48
C PRO A 149 -12.54 -18.90 -9.77
N ASP A 150 -12.31 -20.01 -9.07
CA ASP A 150 -11.06 -20.27 -8.36
C ASP A 150 -10.86 -21.79 -8.46
N GLY A 151 -10.22 -22.23 -9.55
CA GLY A 151 -10.22 -23.65 -9.84
C GLY A 151 -11.62 -24.09 -10.22
N ASP A 152 -12.06 -25.23 -9.69
CA ASP A 152 -13.44 -25.65 -9.84
C ASP A 152 -14.33 -25.08 -8.75
N LYS A 153 -13.78 -24.17 -7.94
CA LYS A 153 -14.57 -23.52 -6.90
C LYS A 153 -14.63 -22.02 -7.16
N PHE A 154 -14.98 -21.24 -6.15
CA PHE A 154 -15.28 -19.83 -6.35
C PHE A 154 -14.82 -19.04 -5.14
N ARG A 155 -14.49 -17.78 -5.38
CA ARG A 155 -14.19 -16.85 -4.29
C ARG A 155 -14.87 -15.52 -4.54
N ARG A 156 -15.30 -14.87 -3.47
CA ARG A 156 -15.80 -13.50 -3.59
C ARG A 156 -14.70 -12.58 -4.10
N VAL A 157 -15.06 -11.65 -4.99
CA VAL A 157 -14.17 -10.56 -5.40
C VAL A 157 -14.84 -9.23 -5.08
N VAL A 158 -14.02 -8.25 -4.70
CA VAL A 158 -14.53 -6.95 -4.29
C VAL A 158 -13.84 -5.86 -5.14
N PRO A 159 -14.50 -4.70 -5.26
CA PRO A 159 -13.92 -3.60 -6.05
C PRO A 159 -12.65 -3.05 -5.42
N SER A 160 -11.74 -2.61 -6.29
CA SER A 160 -10.52 -1.88 -5.88
C SER A 160 -10.55 -0.52 -6.56
N PRO A 161 -11.32 0.42 -6.04
CA PRO A 161 -11.44 1.74 -6.69
C PRO A 161 -10.21 2.59 -6.41
N ARG A 162 -10.06 3.62 -7.24
CA ARG A 162 -8.96 4.56 -7.04
C ARG A 162 -9.20 5.40 -5.79
N PRO A 163 -8.16 5.70 -5.02
CA PRO A 163 -8.31 6.65 -3.92
C PRO A 163 -8.47 8.06 -4.47
N LYS A 164 -9.40 8.80 -3.87
N LYS A 164 -9.38 8.82 -3.86
CA LYS A 164 -9.74 10.16 -4.29
CA LYS A 164 -9.64 10.18 -4.31
C LYS A 164 -9.17 11.23 -3.37
C LYS A 164 -9.17 11.25 -3.34
N ARG A 165 -9.30 11.05 -2.06
N ARG A 165 -9.28 11.01 -2.05
CA ARG A 165 -8.72 11.99 -1.11
CA ARG A 165 -8.82 11.97 -1.06
C ARG A 165 -8.69 11.35 0.27
C ARG A 165 -8.64 11.26 0.27
N ILE A 166 -7.63 11.68 1.01
CA ILE A 166 -7.38 11.15 2.35
C ILE A 166 -7.90 12.16 3.37
N PHE A 167 -8.72 11.70 4.31
CA PHE A 167 -9.42 12.65 5.17
C PHE A 167 -8.49 13.32 6.17
N GLU A 168 -7.54 12.58 6.72
CA GLU A 168 -6.81 13.05 7.90
C GLU A 168 -5.47 13.68 7.54
N ILE A 169 -5.37 14.35 6.38
CA ILE A 169 -4.11 14.95 5.95
C ILE A 169 -3.64 16.03 6.91
N ARG A 170 -4.56 16.89 7.37
N ARG A 170 -4.56 16.90 7.35
CA ARG A 170 -4.13 17.98 8.24
CA ARG A 170 -4.16 18.00 8.24
C ARG A 170 -3.56 17.49 9.56
C ARG A 170 -3.55 17.46 9.53
N PRO A 171 -4.18 16.54 10.27
CA PRO A 171 -3.50 15.98 11.44
C PRO A 171 -2.15 15.37 11.15
N VAL A 172 -2.00 14.65 10.03
CA VAL A 172 -0.70 14.06 9.72
C VAL A 172 0.35 15.15 9.53
N LYS A 173 0.01 16.19 8.77
CA LYS A 173 0.96 17.28 8.57
C LYS A 173 1.33 17.95 9.90
N TRP A 174 0.32 18.21 10.75
CA TRP A 174 0.62 18.84 12.03
C TRP A 174 1.55 18.00 12.88
N LEU A 175 1.38 16.66 12.84
CA LEU A 175 2.28 15.79 13.59
C LEU A 175 3.69 15.80 12.99
N LEU A 176 3.81 15.75 11.66
CA LEU A 176 5.14 15.76 11.03
C LEU A 176 5.88 17.04 11.38
N GLU A 177 5.16 18.17 11.42
CA GLU A 177 5.78 19.44 11.75
C GLU A 177 6.38 19.44 13.15
N LYS A 178 5.88 18.58 14.03
CA LYS A 178 6.42 18.48 15.39
C LYS A 178 7.45 17.37 15.53
N GLY A 179 7.85 16.73 14.43
CA GLY A 179 8.84 15.68 14.47
C GLY A 179 8.31 14.27 14.67
N THR A 180 6.99 14.10 14.61
CA THR A 180 6.40 12.78 14.80
C THR A 180 6.66 11.87 13.61
N ILE A 181 6.95 10.60 13.87
CA ILE A 181 6.89 9.57 12.84
C ILE A 181 5.46 9.07 12.80
N VAL A 182 4.83 9.14 11.64
CA VAL A 182 3.40 8.88 11.51
C VAL A 182 3.19 7.62 10.68
N ILE A 183 2.44 6.69 11.22
CA ILE A 183 2.00 5.50 10.51
C ILE A 183 0.56 5.73 10.09
N CYS A 184 0.30 5.67 8.78
CA CYS A 184 -1.05 5.94 8.31
C CYS A 184 -1.26 5.33 6.93
N ALA A 185 -2.48 5.49 6.42
CA ALA A 185 -2.89 4.87 5.15
C ALA A 185 -2.65 3.36 5.16
N GLY A 186 -2.80 2.76 6.34
CA GLY A 186 -2.64 1.33 6.47
C GLY A 186 -3.59 0.55 5.59
N GLY A 187 -3.04 -0.42 4.85
CA GLY A 187 -3.86 -1.23 3.97
C GLY A 187 -4.38 -0.52 2.76
N GLY A 188 -3.89 0.68 2.48
CA GLY A 188 -4.49 1.50 1.46
C GLY A 188 -5.61 2.39 1.97
N GLY A 189 -5.88 2.36 3.26
CA GLY A 189 -6.92 3.19 3.84
C GLY A 189 -8.25 2.47 3.99
N ILE A 190 -9.10 3.03 4.82
CA ILE A 190 -10.46 2.53 5.01
C ILE A 190 -11.32 3.11 3.89
N PRO A 191 -11.87 2.30 3.00
CA PRO A 191 -12.60 2.88 1.85
C PRO A 191 -13.94 3.43 2.30
N THR A 192 -14.22 4.68 1.91
CA THR A 192 -15.43 5.39 2.27
C THR A 192 -15.96 6.11 1.04
N MET A 193 -17.24 6.42 1.06
CA MET A 193 -17.89 7.00 -0.12
C MET A 193 -19.07 7.84 0.31
N TYR A 194 -19.29 8.97 -0.36
CA TYR A 194 -20.47 9.77 -0.07
C TYR A 194 -21.71 9.20 -0.75
N ASP A 195 -22.88 9.54 -0.19
CA ASP A 195 -24.12 9.24 -0.86
C ASP A 195 -24.27 10.17 -2.07
N GLU A 196 -25.36 9.96 -2.83
CA GLU A 196 -25.56 10.71 -4.07
C GLU A 196 -25.57 12.21 -3.82
N ALA A 197 -26.16 12.64 -2.71
CA ALA A 197 -26.24 14.06 -2.38
C ALA A 197 -24.91 14.66 -1.94
N GLY A 198 -23.91 13.83 -1.65
CA GLY A 198 -22.65 14.35 -1.15
C GLY A 198 -22.73 14.87 0.25
N LYS A 199 -23.66 14.36 1.06
CA LYS A 199 -23.90 14.85 2.41
C LYS A 199 -23.38 13.90 3.48
N LYS A 200 -23.55 12.60 3.28
CA LYS A 200 -23.29 11.60 4.31
C LYS A 200 -22.18 10.65 3.84
N LEU A 201 -21.13 10.54 4.64
CA LEU A 201 -20.03 9.62 4.34
C LEU A 201 -20.31 8.26 4.98
N SER A 202 -20.14 7.19 4.20
CA SER A 202 -20.30 5.83 4.71
C SER A 202 -19.12 4.98 4.25
N GLY A 203 -18.94 3.86 4.93
CA GLY A 203 -17.98 2.89 4.44
C GLY A 203 -18.47 2.20 3.19
N VAL A 204 -17.54 1.62 2.46
CA VAL A 204 -17.89 0.81 1.29
C VAL A 204 -17.05 -0.45 1.29
N GLU A 205 -17.64 -1.55 0.83
CA GLU A 205 -16.96 -2.84 0.83
C GLU A 205 -16.04 -2.88 -0.37
N ALA A 206 -14.78 -2.60 -0.13
CA ALA A 206 -13.78 -2.50 -1.18
C ALA A 206 -12.42 -2.52 -0.50
N VAL A 207 -11.38 -2.60 -1.30
CA VAL A 207 -10.02 -2.41 -0.87
C VAL A 207 -9.44 -1.32 -1.75
N ILE A 208 -8.41 -0.64 -1.24
CA ILE A 208 -7.69 0.36 -2.02
C ILE A 208 -6.24 -0.11 -2.18
N ASP A 209 -5.72 -0.04 -3.40
CA ASP A 209 -4.32 -0.42 -3.61
C ASP A 209 -3.39 0.47 -2.80
N LYS A 210 -2.51 -0.17 -2.02
CA LYS A 210 -1.71 0.58 -1.07
C LYS A 210 -0.70 1.50 -1.76
N ASP A 211 -0.26 1.16 -2.98
CA ASP A 211 0.72 2.03 -3.63
C ASP A 211 0.03 3.24 -4.26
N LEU A 212 -1.14 3.06 -4.86
CA LEU A 212 -1.90 4.21 -5.34
C LEU A 212 -2.29 5.13 -4.18
N CYS A 213 -2.69 4.56 -3.05
CA CYS A 213 -3.03 5.40 -1.90
C CYS A 213 -1.79 6.10 -1.36
N SER A 214 -0.64 5.40 -1.33
CA SER A 214 0.58 6.02 -0.82
C SER A 214 1.04 7.13 -1.73
N SER A 215 0.84 6.96 -3.06
CA SER A 215 1.13 8.04 -3.99
C SER A 215 0.25 9.25 -3.71
N LEU A 216 -1.06 9.03 -3.52
CA LEU A 216 -1.94 10.14 -3.19
C LEU A 216 -1.56 10.78 -1.88
N LEU A 217 -1.25 9.95 -0.87
CA LEU A 217 -0.80 10.45 0.42
C LEU A 217 0.44 11.33 0.28
N ALA A 218 1.43 10.85 -0.48
CA ALA A 218 2.65 11.62 -0.67
C ALA A 218 2.37 12.92 -1.42
N GLN A 219 1.44 12.88 -2.39
CA GLN A 219 1.03 14.11 -3.06
C GLN A 219 0.40 15.09 -2.07
N GLU A 220 -0.58 14.60 -1.28
CA GLU A 220 -1.36 15.48 -0.42
C GLU A 220 -0.52 16.00 0.75
N LEU A 221 0.50 15.25 1.19
CA LEU A 221 1.42 15.68 2.22
C LEU A 221 2.60 16.50 1.70
N VAL A 222 2.67 16.73 0.38
CA VAL A 222 3.77 17.49 -0.21
C VAL A 222 5.08 16.83 0.20
N ALA A 223 5.15 15.51 0.08
CA ALA A 223 6.38 14.80 0.39
C ALA A 223 7.47 15.11 -0.63
N ASP A 224 8.73 15.01 -0.18
CA ASP A 224 9.87 15.16 -1.07
C ASP A 224 10.15 13.90 -1.87
N ILE A 225 9.81 12.74 -1.32
CA ILE A 225 10.13 11.48 -1.97
C ILE A 225 9.10 10.45 -1.54
N LEU A 226 8.66 9.64 -2.50
CA LEU A 226 7.82 8.48 -2.25
C LEU A 226 8.68 7.25 -2.48
N ILE A 227 8.79 6.40 -1.46
CA ILE A 227 9.58 5.18 -1.59
C ILE A 227 8.62 4.01 -1.57
N ILE A 228 8.56 3.29 -2.68
CA ILE A 228 7.72 2.11 -2.83
C ILE A 228 8.62 0.93 -2.54
N ALA A 229 8.49 0.36 -1.35
CA ALA A 229 9.40 -0.68 -0.89
C ALA A 229 8.91 -2.03 -1.38
N THR A 230 9.79 -2.75 -2.05
CA THR A 230 9.42 -4.01 -2.67
C THR A 230 10.53 -5.03 -2.40
N ASP A 231 10.25 -6.27 -2.77
CA ASP A 231 11.25 -7.32 -2.60
C ASP A 231 12.44 -7.08 -3.52
N VAL A 232 12.18 -6.70 -4.77
CA VAL A 232 13.26 -6.50 -5.74
C VAL A 232 13.96 -5.17 -5.46
N ASP A 233 15.22 -5.08 -5.91
N ASP A 233 15.22 -5.08 -5.89
CA ASP A 233 15.99 -3.89 -5.62
CA ASP A 233 16.00 -3.89 -5.62
C ASP A 233 15.85 -2.82 -6.70
C ASP A 233 15.85 -2.82 -6.70
N ALA A 234 15.17 -3.13 -7.80
CA ALA A 234 15.01 -2.20 -8.92
C ALA A 234 14.08 -2.85 -9.94
N ALA A 235 13.61 -2.02 -10.87
CA ALA A 235 13.10 -2.53 -12.14
C ALA A 235 14.26 -2.79 -13.08
N TYR A 236 14.09 -3.78 -13.96
CA TYR A 236 15.14 -4.22 -14.88
C TYR A 236 14.63 -4.23 -16.32
N VAL A 237 15.54 -3.95 -17.25
CA VAL A 237 15.32 -4.25 -18.66
C VAL A 237 16.07 -5.53 -19.00
N ASP A 238 15.61 -6.21 -20.06
CA ASP A 238 16.27 -7.42 -20.55
C ASP A 238 16.40 -8.47 -19.46
N TRP A 239 15.37 -8.58 -18.62
CA TRP A 239 15.41 -9.44 -17.45
C TRP A 239 15.61 -10.90 -17.84
N GLY A 240 16.68 -11.50 -17.32
CA GLY A 240 16.99 -12.88 -17.60
C GLY A 240 17.82 -13.10 -18.84
N LYS A 241 18.46 -12.07 -19.35
CA LYS A 241 19.20 -12.10 -20.61
C LYS A 241 20.59 -11.53 -20.38
N PRO A 242 21.54 -11.82 -21.29
CA PRO A 242 22.89 -11.28 -21.12
C PRO A 242 22.96 -9.76 -21.05
N THR A 243 22.00 -9.06 -21.63
CA THR A 243 21.95 -7.61 -21.56
C THR A 243 21.09 -7.09 -20.41
N GLN A 244 20.76 -7.94 -19.44
CA GLN A 244 19.98 -7.51 -18.27
C GLN A 244 20.64 -6.30 -17.59
N LYS A 245 19.83 -5.28 -17.31
CA LYS A 245 20.34 -4.06 -16.69
C LYS A 245 19.31 -3.50 -15.72
N ALA A 246 19.78 -3.09 -14.55
CA ALA A 246 18.93 -2.40 -13.60
C ALA A 246 18.68 -0.96 -14.04
N ILE A 247 17.44 -0.50 -13.85
CA ILE A 247 17.10 0.89 -14.18
C ILE A 247 17.39 1.75 -12.95
N ALA A 248 18.27 2.74 -13.12
CA ALA A 248 18.55 3.68 -12.06
C ALA A 248 17.55 4.83 -12.03
N GLN A 249 17.20 5.37 -13.19
CA GLN A 249 16.27 6.48 -13.22
C GLN A 249 15.54 6.45 -14.54
N ALA A 250 14.26 6.82 -14.52
CA ALA A 250 13.52 6.83 -15.77
C ALA A 250 12.40 7.86 -15.71
N HIS A 251 12.22 8.55 -16.83
CA HIS A 251 11.05 9.39 -16.99
C HIS A 251 9.81 8.52 -17.17
N PRO A 252 8.66 8.92 -16.62
CA PRO A 252 7.42 8.14 -16.87
C PRO A 252 7.15 7.82 -18.33
N ASP A 253 7.42 8.76 -19.24
CA ASP A 253 7.19 8.50 -20.67
C ASP A 253 7.97 7.27 -21.13
N GLU A 254 9.21 7.12 -20.68
CA GLU A 254 10.03 5.99 -21.10
C GLU A 254 9.56 4.70 -20.44
N LEU A 255 9.18 4.76 -19.15
CA LEU A 255 8.70 3.55 -18.49
C LEU A 255 7.44 3.02 -19.16
N GLU A 256 6.55 3.91 -19.61
CA GLU A 256 5.35 3.46 -20.30
C GLU A 256 5.70 2.86 -21.66
N ARG A 257 6.63 3.46 -22.39
CA ARG A 257 7.02 2.91 -23.68
C ARG A 257 7.57 1.49 -23.54
N LEU A 258 8.35 1.25 -22.49
CA LEU A 258 8.99 -0.04 -22.29
C LEU A 258 8.06 -1.11 -21.77
N GLY A 259 6.83 -0.75 -21.38
CA GLY A 259 5.87 -1.72 -20.91
C GLY A 259 5.88 -1.95 -19.41
N PHE A 260 6.52 -1.08 -18.64
CA PHE A 260 6.59 -1.32 -17.20
C PHE A 260 5.31 -0.99 -16.48
N ALA A 261 4.41 -0.21 -17.10
CA ALA A 261 3.10 0.04 -16.50
C ALA A 261 2.20 -1.19 -16.54
N ALA A 262 2.61 -2.25 -17.25
CA ALA A 262 1.99 -3.56 -17.20
C ALA A 262 2.97 -4.55 -16.59
N GLY A 263 2.51 -5.78 -16.40
CA GLY A 263 3.34 -6.81 -15.80
C GLY A 263 3.12 -6.93 -14.30
N SER A 264 4.02 -7.69 -13.67
CA SER A 264 3.91 -7.92 -12.23
C SER A 264 4.23 -6.67 -11.43
N MET A 265 5.03 -5.77 -11.98
CA MET A 265 5.38 -4.52 -11.30
C MET A 265 4.45 -3.37 -11.68
N GLY A 266 3.50 -3.60 -12.58
CA GLY A 266 2.61 -2.58 -13.09
C GLY A 266 2.05 -1.62 -12.05
N PRO A 267 1.32 -2.13 -11.07
CA PRO A 267 0.71 -1.22 -10.07
C PRO A 267 1.71 -0.34 -9.35
N LYS A 268 2.90 -0.87 -9.04
CA LYS A 268 3.90 -0.03 -8.37
C LYS A 268 4.44 1.02 -9.33
N VAL A 269 4.71 0.63 -10.57
CA VAL A 269 5.19 1.60 -11.57
C VAL A 269 4.12 2.64 -11.85
N GLN A 270 2.86 2.21 -11.96
N GLN A 270 2.85 2.23 -11.94
CA GLN A 270 1.76 3.15 -12.17
CA GLN A 270 1.79 3.18 -12.20
C GLN A 270 1.70 4.19 -11.07
C GLN A 270 1.66 4.19 -11.06
N ALA A 271 1.78 3.73 -9.81
CA ALA A 271 1.73 4.65 -8.67
C ALA A 271 2.92 5.58 -8.65
N ALA A 272 4.12 5.06 -8.97
CA ALA A 272 5.29 5.92 -9.01
C ALA A 272 5.15 6.98 -10.10
N ILE A 273 4.67 6.57 -11.29
CA ILE A 273 4.46 7.52 -12.38
C ILE A 273 3.46 8.59 -11.97
N GLU A 274 2.36 8.19 -11.32
CA GLU A 274 1.37 9.19 -10.93
C GLU A 274 1.97 10.22 -9.98
N PHE A 275 2.76 9.76 -8.99
CA PHE A 275 3.40 10.69 -8.07
C PHE A 275 4.33 11.63 -8.81
N ALA A 276 5.17 11.08 -9.69
CA ALA A 276 6.14 11.88 -10.40
C ALA A 276 5.48 12.95 -11.26
N ARG A 277 4.43 12.57 -12.00
CA ARG A 277 3.75 13.54 -12.87
C ARG A 277 3.03 14.60 -12.05
N ALA A 278 2.43 14.20 -10.93
CA ALA A 278 1.60 15.12 -10.17
C ALA A 278 2.45 16.15 -9.42
N THR A 279 3.68 15.79 -9.03
CA THR A 279 4.44 16.59 -8.08
C THR A 279 5.73 17.17 -8.65
N GLY A 280 6.28 16.61 -9.73
CA GLY A 280 7.63 16.94 -10.12
C GLY A 280 8.70 16.43 -9.18
N LYS A 281 8.33 15.64 -8.18
CA LYS A 281 9.25 15.04 -7.23
C LYS A 281 9.40 13.57 -7.58
N ASP A 282 10.28 12.89 -6.85
CA ASP A 282 10.74 11.58 -7.26
C ASP A 282 10.08 10.47 -6.45
N ALA A 283 9.70 9.40 -7.14
CA ALA A 283 9.28 8.16 -6.52
C ALA A 283 10.34 7.11 -6.81
N VAL A 284 10.71 6.31 -5.82
CA VAL A 284 11.76 5.30 -6.00
C VAL A 284 11.20 3.94 -5.65
N ILE A 285 11.33 2.99 -6.57
CA ILE A 285 10.94 1.61 -6.32
C ILE A 285 12.19 0.82 -5.98
N GLY A 286 12.24 0.23 -4.79
CA GLY A 286 13.43 -0.50 -4.40
C GLY A 286 13.23 -1.19 -3.08
N SER A 287 14.35 -1.64 -2.51
N SER A 287 14.34 -1.66 -2.52
CA SER A 287 14.36 -2.50 -1.33
CA SER A 287 14.32 -2.52 -1.33
C SER A 287 14.60 -1.71 -0.05
C SER A 287 14.59 -1.72 -0.06
N LEU A 288 13.92 -2.10 1.03
CA LEU A 288 14.18 -1.49 2.33
C LEU A 288 15.63 -1.67 2.76
N ALA A 289 16.26 -2.77 2.37
CA ALA A 289 17.67 -2.97 2.68
C ALA A 289 18.54 -1.85 2.12
N ASP A 290 18.09 -1.17 1.06
CA ASP A 290 18.83 -0.09 0.44
C ASP A 290 18.26 1.28 0.76
N ILE A 291 17.51 1.43 1.85
CA ILE A 291 16.70 2.65 1.96
C ILE A 291 17.58 3.89 2.14
N VAL A 292 18.73 3.77 2.82
CA VAL A 292 19.61 4.94 2.94
C VAL A 292 20.12 5.35 1.57
N ALA A 293 20.64 4.39 0.80
CA ALA A 293 21.11 4.66 -0.55
C ALA A 293 19.99 5.20 -1.43
N ILE A 294 18.76 4.74 -1.21
CA ILE A 294 17.64 5.27 -1.99
C ILE A 294 17.48 6.76 -1.75
N THR A 295 17.54 7.19 -0.49
CA THR A 295 17.39 8.61 -0.21
C THR A 295 18.58 9.42 -0.70
N GLU A 296 19.71 8.78 -0.94
CA GLU A 296 20.89 9.43 -1.51
C GLU A 296 20.93 9.39 -3.04
N GLY A 297 19.93 8.78 -3.68
CA GLY A 297 19.95 8.66 -5.13
C GLY A 297 20.89 7.61 -5.67
N LYS A 298 21.27 6.64 -4.85
CA LYS A 298 22.28 5.64 -5.21
C LYS A 298 21.73 4.24 -5.34
N ALA A 299 20.44 4.03 -5.12
CA ALA A 299 19.83 2.72 -5.29
C ALA A 299 18.37 2.89 -5.62
N GLY A 300 17.78 1.81 -6.12
CA GLY A 300 16.38 1.79 -6.53
C GLY A 300 16.17 2.38 -7.91
N THR A 301 14.97 2.15 -8.44
CA THR A 301 14.57 2.72 -9.71
C THR A 301 13.84 4.03 -9.42
N ARG A 302 14.48 5.15 -9.75
CA ARG A 302 13.93 6.46 -9.48
C ARG A 302 13.05 6.91 -10.65
N VAL A 303 11.76 7.13 -10.37
CA VAL A 303 10.80 7.55 -11.38
C VAL A 303 10.59 9.05 -11.21
N SER A 304 10.94 9.82 -12.23
CA SER A 304 10.96 11.27 -12.09
C SER A 304 10.77 11.91 -13.45
N THR A 305 10.07 13.05 -13.46
CA THR A 305 10.02 13.85 -14.67
C THR A 305 11.17 14.83 -14.77
N ARG A 306 12.10 14.82 -13.81
CA ARG A 306 13.16 15.82 -13.80
C ARG A 306 14.09 15.68 -14.99
N LYS A 307 14.22 14.46 -15.55
CA LYS A 307 15.14 14.18 -16.64
C LYS A 307 14.49 13.19 -17.58
N ALA A 308 14.46 13.50 -18.88
CA ALA A 308 13.81 12.60 -19.79
C ALA A 308 14.70 11.39 -20.07
N GLY A 309 14.11 10.34 -20.63
CA GLY A 309 14.88 9.16 -21.00
C GLY A 309 15.06 8.18 -19.85
N ILE A 310 16.13 7.39 -19.95
CA ILE A 310 16.39 6.29 -19.04
C ILE A 310 17.88 6.22 -18.73
N GLU A 311 18.20 5.92 -17.48
N GLU A 311 18.20 5.97 -17.47
CA GLU A 311 19.57 5.78 -17.01
CA GLU A 311 19.57 5.77 -17.01
C GLU A 311 19.66 4.45 -16.28
C GLU A 311 19.63 4.42 -16.32
N TYR A 312 20.72 3.68 -16.57
CA TYR A 312 20.92 2.38 -15.95
C TYR A 312 21.94 2.46 -14.83
N ARG A 313 22.02 1.38 -14.06
CA ARG A 313 23.23 1.16 -13.25
C ARG A 313 23.59 -0.32 -13.25
C1 EDO B . -24.52 -14.02 8.52
O1 EDO B . -25.63 -13.12 8.45
C2 EDO B . -23.75 -13.94 7.20
O2 EDO B . -22.84 -15.05 7.11
C FMT C . 15.18 -10.23 17.79
O1 FMT C . 14.41 -11.16 17.62
O2 FMT C . 15.82 -9.69 16.88
O1 OO9 D . 0.07 -5.02 -0.21
O2 OO9 D . -1.05 -7.19 -0.70
O3 OO9 D . -0.50 -6.58 1.64
O4 OO9 D . -2.36 -5.34 0.33
O5 OO9 D . -2.66 -4.01 0.99
P1 OO9 D . -0.92 -6.05 0.29
S SO4 E . 4.23 -6.24 -2.40
O1 SO4 E . 5.64 -5.86 -2.31
O2 SO4 E . 4.05 -7.16 -3.52
O3 SO4 E . 3.80 -6.88 -1.17
O4 SO4 E . 3.40 -5.06 -2.62
S SO4 F . 9.71 -11.10 20.77
O1 SO4 F . 10.47 -11.22 22.01
O2 SO4 F . 10.63 -11.16 19.63
O3 SO4 F . 8.75 -12.20 20.68
O4 SO4 F . 9.00 -9.81 20.76
S SO4 G . -5.21 -14.35 -0.71
O1 SO4 G . -3.90 -14.40 -0.08
O2 SO4 G . -5.43 -15.59 -1.45
O3 SO4 G . -6.24 -14.20 0.32
O4 SO4 G . -5.27 -13.22 -1.63
S SO4 H . 24.67 5.72 -9.48
O1 SO4 H . 24.51 4.32 -9.85
O2 SO4 H . 24.91 6.52 -10.69
O3 SO4 H . 25.81 5.87 -8.57
O4 SO4 H . 23.47 6.22 -8.81
S SO4 I . 4.60 -13.64 -4.57
O1 SO4 I . 4.75 -14.99 -5.09
O2 SO4 I . 5.22 -12.69 -5.49
O3 SO4 I . 3.18 -13.32 -4.42
O4 SO4 I . 5.26 -13.54 -3.27
#